data_7I2K
#
_entry.id   7I2K
#
_cell.length_a   82.275
_cell.length_b   116.039
_cell.length_c   147.914
_cell.angle_alpha   90.00
_cell.angle_beta   90.00
_cell.angle_gamma   90.00
#
_symmetry.space_group_name_H-M   'I 2 2 2'
#
loop_
_entity.id
_entity.type
_entity.pdbx_description
1 polymer 'NS5 RNA-dependent RNA polymerase'
2 non-polymer 'ZINC ION'
3 non-polymer '2-(N-MORPHOLINO)-ETHANESULFONIC ACID'
4 non-polymer 'DIMETHYL SULFOXIDE'
5 non-polymer 'PHOSPHATE ION'
6 non-polymer DI(HYDROXYETHYL)ETHER
7 non-polymer 'CHLORIDE ION'
8 non-polymer 1-(3-methoxyazetidine-1-sulfonyl)pyrrolidine
9 water water
#
_entity_poly.entity_id   1
_entity_poly.type   'polypeptide(L)'
_entity_poly.pdbx_seq_one_letter_code
;GPGIESETPNLDIIGKRIEKIKQEHETSWHYDQDHPYKTWAYHGSYETKQTGSASSMVNGVVRLLTKPWDIIPMVTQMAM
TDTTPFGQQRVFKEKVDTRTQEPKEGTKKLMKITAEWLWKELGKKKTPRMCTREEFTRKVRSNAALGAIFTDENKWKSAR
EAVEDSGFWELVDKERNLHLEGKCETCVYNMMGKREKKLGEFGKAKGSRAIWYMWLGARFLEFEALGFLNEDHWFSRENS
LSGVEGEGLHKLGYILRDVSKKEGGAMYADDTAGWDTRITLEDLKNEEMVTNHMEGEHKKLAEAIFKLTYQNKVVRVQRP
TPRGTVMDIISRRDQRGSGQVVTYGLNTFTNMEAQLIRQMEGEGVFKSIQHLTVTEEIAVKNWLVRVGRERLSRMAISGD
DCVVKPLDDRFASALTALNDMGKVRKDIQQWEPSRGWNDWTQVPFCSHHFHELIMKDGRVLVVPCRNQDELIGRARISQG
AGWSLRETACLGKSYAQMWSLMYFHRRDLRLAANAICSAVPSHWVPTSRTTWSIHATHEWMTTEDMLTVWNRVWIQENPW
MEDKTPVESWEEIPYLGKREDQWCGSLIGLTSRATWAKNIQTAINQVRSLIGNEEYTDYMPSMKRFRREEEEAGVLW
;
_entity_poly.pdbx_strand_id   A
#
# COMPACT_ATOMS: atom_id res chain seq x y z
N ASN A 10 -22.94 -5.15 22.56
CA ASN A 10 -22.93 -5.78 21.21
C ASN A 10 -24.11 -5.24 20.39
N LEU A 11 -25.30 -5.83 20.55
CA LEU A 11 -26.46 -5.43 19.71
C LEU A 11 -26.86 -3.99 20.05
N ASP A 12 -26.47 -3.51 21.22
CA ASP A 12 -26.75 -2.09 21.57
C ASP A 12 -25.97 -1.18 20.61
N ILE A 13 -24.80 -1.64 20.14
CA ILE A 13 -23.93 -0.79 19.28
C ILE A 13 -24.24 -1.05 17.79
N ILE A 14 -24.76 -2.23 17.47
CA ILE A 14 -24.98 -2.59 16.04
C ILE A 14 -26.47 -2.62 15.70
N GLY A 15 -27.35 -2.76 16.68
CA GLY A 15 -28.80 -2.90 16.41
C GLY A 15 -29.37 -1.79 15.54
N LYS A 16 -29.21 -0.54 15.95
CA LYS A 16 -29.79 0.60 15.19
C LYS A 16 -29.40 0.47 13.73
N ARG A 17 -28.13 0.16 13.48
CA ARG A 17 -27.62 0.04 12.09
C ARG A 17 -28.35 -1.11 11.42
N ILE A 18 -28.55 -2.21 12.17
CA ILE A 18 -29.26 -3.44 11.74
C ILE A 18 -30.74 -3.10 11.56
N GLU A 19 -31.39 -2.54 12.61
CA GLU A 19 -32.83 -2.13 12.60
C GLU A 19 -33.12 -1.27 11.38
N LYS A 20 -32.26 -0.30 11.09
CA LYS A 20 -32.43 0.64 9.96
C LYS A 20 -32.42 -0.12 8.64
N ILE A 21 -31.42 -0.97 8.39
CA ILE A 21 -31.29 -1.68 7.07
C ILE A 21 -32.52 -2.57 6.90
N LYS A 22 -32.89 -3.27 7.96
CA LYS A 22 -34.03 -4.22 8.04
C LYS A 22 -35.28 -3.57 7.45
N GLN A 23 -35.48 -2.29 7.73
CA GLN A 23 -36.73 -1.59 7.30
C GLN A 23 -36.65 -1.24 5.82
N GLU A 24 -35.61 -0.56 5.36
CA GLU A 24 -35.59 -0.13 3.94
C GLU A 24 -35.84 -1.36 3.07
N HIS A 25 -35.64 -2.56 3.62
CA HIS A 25 -35.80 -3.82 2.85
C HIS A 25 -36.77 -4.75 3.59
N GLU A 26 -37.75 -4.21 4.30
CA GLU A 26 -38.70 -5.03 5.11
C GLU A 26 -39.50 -5.96 4.18
N THR A 27 -39.55 -5.65 2.89
CA THR A 27 -40.33 -6.47 1.93
C THR A 27 -39.69 -7.86 1.78
N SER A 28 -38.38 -7.99 2.00
CA SER A 28 -37.71 -9.29 1.75
C SER A 28 -36.82 -9.73 2.92
N TRP A 29 -37.16 -9.36 4.16
CA TRP A 29 -36.24 -9.68 5.28
C TRP A 29 -36.34 -11.18 5.64
N HIS A 30 -35.45 -12.00 5.09
CA HIS A 30 -35.47 -13.46 5.38
C HIS A 30 -34.28 -13.89 6.24
N TYR A 31 -34.54 -14.58 7.36
CA TYR A 31 -33.46 -15.09 8.22
C TYR A 31 -32.97 -16.45 7.69
N ASP A 32 -32.37 -16.46 6.51
CA ASP A 32 -31.94 -17.74 5.87
C ASP A 32 -31.34 -18.67 6.93
N GLN A 33 -31.66 -19.97 6.84
CA GLN A 33 -31.12 -20.95 7.82
C GLN A 33 -29.98 -21.74 7.16
N ASP A 34 -29.67 -21.41 5.90
CA ASP A 34 -28.57 -22.12 5.18
C ASP A 34 -27.44 -21.14 4.89
N HIS A 35 -27.31 -20.08 5.70
CA HIS A 35 -26.22 -19.09 5.53
C HIS A 35 -24.86 -19.74 5.82
N PRO A 36 -23.78 -19.40 5.08
CA PRO A 36 -22.48 -20.03 5.28
C PRO A 36 -21.61 -19.30 6.32
N TYR A 37 -22.02 -19.30 7.59
CA TYR A 37 -21.25 -18.51 8.59
C TYR A 37 -21.12 -19.27 9.92
N LYS A 38 -19.95 -19.18 10.57
CA LYS A 38 -19.74 -19.79 11.90
C LYS A 38 -18.77 -18.87 12.65
N THR A 39 -18.19 -17.92 11.93
CA THR A 39 -17.16 -16.99 12.49
C THR A 39 -17.75 -15.57 12.60
N TRP A 40 -18.51 -15.15 11.58
CA TRP A 40 -19.34 -13.92 11.61
C TRP A 40 -20.56 -14.17 12.50
N ALA A 41 -21.34 -13.13 12.75
CA ALA A 41 -22.64 -13.29 13.46
C ALA A 41 -23.71 -12.92 12.44
N TYR A 42 -24.43 -13.91 11.91
CA TYR A 42 -25.44 -13.65 10.84
C TYR A 42 -26.65 -12.93 11.45
N HIS A 43 -27.25 -12.02 10.68
CA HIS A 43 -28.38 -11.23 11.22
C HIS A 43 -29.62 -11.33 10.32
N GLY A 44 -29.44 -11.41 9.00
CA GLY A 44 -30.61 -11.44 8.10
C GLY A 44 -30.23 -11.31 6.64
N SER A 45 -31.22 -11.33 5.74
CA SER A 45 -30.93 -11.27 4.28
C SER A 45 -32.03 -10.49 3.55
N TYR A 46 -31.74 -9.96 2.36
CA TYR A 46 -32.76 -9.23 1.56
C TYR A 46 -32.46 -9.34 0.06
N GLU A 47 -33.44 -9.06 -0.79
CA GLU A 47 -33.33 -9.22 -2.27
C GLU A 47 -32.46 -8.10 -2.85
N THR A 48 -31.49 -8.47 -3.72
CA THR A 48 -30.50 -7.53 -4.32
C THR A 48 -30.25 -7.91 -5.79
N LYS A 49 -29.55 -7.02 -6.53
CA LYS A 49 -29.09 -7.24 -7.92
C LYS A 49 -27.86 -6.38 -8.20
N SER A 56 -11.27 -5.78 -15.81
CA SER A 56 -9.95 -6.24 -16.31
C SER A 56 -9.89 -6.12 -17.84
N MET A 57 -9.76 -4.88 -18.34
CA MET A 57 -9.70 -4.55 -19.80
C MET A 57 -8.25 -4.27 -20.21
N VAL A 58 -7.89 -4.54 -21.46
CA VAL A 58 -6.49 -4.36 -21.95
C VAL A 58 -6.31 -2.96 -22.56
N ASN A 59 -5.23 -2.29 -22.18
CA ASN A 59 -4.80 -1.01 -22.75
C ASN A 59 -4.17 -1.27 -24.11
N GLY A 60 -4.86 -0.91 -25.19
CA GLY A 60 -4.39 -1.23 -26.55
C GLY A 60 -3.16 -0.43 -26.96
N VAL A 61 -2.99 0.76 -26.41
CA VAL A 61 -1.79 1.57 -26.75
C VAL A 61 -0.55 0.82 -26.24
N VAL A 62 -0.51 0.44 -24.97
CA VAL A 62 0.65 -0.34 -24.40
C VAL A 62 0.80 -1.70 -25.13
N ARG A 63 -0.29 -2.41 -25.40
CA ARG A 63 -0.16 -3.75 -26.00
C ARG A 63 0.38 -3.64 -27.42
N LEU A 64 -0.03 -2.66 -28.22
CA LEU A 64 0.50 -2.55 -29.61
C LEU A 64 1.99 -2.21 -29.61
N LEU A 65 2.50 -1.58 -28.57
CA LEU A 65 3.93 -1.18 -28.48
C LEU A 65 4.75 -2.18 -27.65
N THR A 66 4.16 -3.32 -27.27
CA THR A 66 4.88 -4.42 -26.57
C THR A 66 4.55 -5.79 -27.22
N LYS A 67 4.68 -5.90 -28.52
CA LYS A 67 4.22 -7.09 -29.28
C LYS A 67 4.99 -8.36 -28.91
N PRO A 68 6.30 -8.36 -28.63
CA PRO A 68 6.98 -9.62 -28.25
C PRO A 68 6.29 -10.32 -27.08
N TRP A 69 5.62 -9.55 -26.21
CA TRP A 69 5.03 -10.10 -24.96
C TRP A 69 3.66 -10.72 -25.27
N ASP A 70 3.17 -10.59 -26.49
CA ASP A 70 1.86 -11.19 -26.86
C ASP A 70 1.90 -12.72 -26.74
N ILE A 71 3.10 -13.33 -26.66
CA ILE A 71 3.26 -14.81 -26.69
C ILE A 71 3.88 -15.27 -25.36
N ILE A 72 4.00 -14.40 -24.35
CA ILE A 72 4.53 -14.72 -23.01
C ILE A 72 3.35 -14.89 -22.08
N PRO A 73 3.00 -16.14 -21.68
CA PRO A 73 1.84 -16.43 -20.82
C PRO A 73 1.83 -15.71 -19.47
N MET A 74 2.98 -15.48 -18.87
CA MET A 74 3.05 -14.73 -17.59
C MET A 74 2.49 -13.30 -17.80
N VAL A 75 2.69 -12.71 -18.98
CA VAL A 75 2.09 -11.38 -19.35
C VAL A 75 0.61 -11.56 -19.72
N THR A 76 0.27 -12.39 -20.69
CA THR A 76 -1.09 -12.45 -21.28
C THR A 76 -2.10 -12.97 -20.25
N GLN A 77 -1.70 -13.90 -19.39
CA GLN A 77 -2.63 -14.51 -18.39
C GLN A 77 -3.01 -13.50 -17.32
N MET A 78 -2.16 -12.51 -17.06
CA MET A 78 -2.44 -11.43 -16.06
C MET A 78 -3.73 -10.69 -16.43
N ALA A 79 -4.10 -10.59 -17.72
CA ALA A 79 -5.27 -9.76 -18.12
C ALA A 79 -6.60 -10.56 -18.10
N MET A 80 -6.59 -11.87 -17.87
CA MET A 80 -7.83 -12.69 -17.98
C MET A 80 -8.62 -12.67 -16.67
N THR A 81 -9.96 -12.80 -16.74
CA THR A 81 -10.82 -13.38 -15.67
C THR A 81 -11.39 -12.34 -14.73
N LYS A 93 -15.14 -14.73 1.84
CA LYS A 93 -13.92 -15.44 1.43
C LYS A 93 -13.56 -16.48 2.50
N GLU A 94 -12.80 -17.53 2.13
CA GLU A 94 -12.44 -18.68 3.00
C GLU A 94 -11.29 -18.27 3.93
N LYS A 95 -10.91 -16.99 3.89
CA LYS A 95 -9.86 -16.37 4.75
C LYS A 95 -10.53 -15.50 5.82
N VAL A 96 -11.58 -14.78 5.43
CA VAL A 96 -12.31 -13.80 6.28
C VAL A 96 -13.17 -14.56 7.32
N ASP A 97 -13.74 -15.71 6.94
CA ASP A 97 -14.59 -16.54 7.84
C ASP A 97 -13.68 -17.44 8.70
N THR A 98 -12.60 -16.88 9.25
CA THR A 98 -11.69 -17.53 10.23
C THR A 98 -11.74 -16.75 11.55
N ARG A 99 -11.30 -17.35 12.66
CA ARG A 99 -11.32 -16.74 14.02
C ARG A 99 -9.95 -16.88 14.69
N THR A 100 -9.27 -15.75 14.96
CA THR A 100 -7.96 -15.68 15.65
C THR A 100 -8.19 -15.82 17.16
N GLN A 101 -7.32 -16.58 17.85
CA GLN A 101 -7.43 -16.86 19.31
C GLN A 101 -7.14 -15.57 20.10
N GLU A 102 -7.15 -15.67 21.43
CA GLU A 102 -6.85 -14.56 22.37
C GLU A 102 -5.42 -14.72 22.88
N PRO A 103 -4.55 -13.71 22.68
CA PRO A 103 -3.18 -13.79 23.17
C PRO A 103 -3.23 -14.14 24.66
N LYS A 104 -2.11 -14.60 25.22
CA LYS A 104 -1.98 -14.97 26.65
C LYS A 104 -1.51 -13.76 27.46
N GLU A 105 -1.77 -13.77 28.77
CA GLU A 105 -1.56 -12.64 29.71
C GLU A 105 -0.25 -11.91 29.34
N GLY A 106 0.84 -12.66 29.21
CA GLY A 106 2.20 -12.09 29.02
C GLY A 106 2.31 -11.43 27.64
N THR A 107 1.72 -12.04 26.60
CA THR A 107 1.62 -11.44 25.25
C THR A 107 0.85 -10.12 25.31
N LYS A 108 -0.36 -10.11 25.88
CA LYS A 108 -1.19 -8.88 26.09
C LYS A 108 -0.46 -7.76 26.85
N LYS A 109 0.34 -8.07 27.88
CA LYS A 109 1.13 -7.07 28.65
C LYS A 109 2.23 -6.46 27.76
N LEU A 110 3.00 -7.32 27.05
CA LEU A 110 4.08 -6.94 26.09
C LEU A 110 3.51 -5.93 25.08
N MET A 111 2.36 -6.25 24.50
CA MET A 111 1.68 -5.42 23.46
C MET A 111 1.21 -4.07 24.05
N LYS A 112 0.55 -4.08 25.21
CA LYS A 112 0.04 -2.85 25.87
C LYS A 112 1.24 -1.96 26.21
N ILE A 113 2.30 -2.50 26.81
CA ILE A 113 3.48 -1.68 27.20
C ILE A 113 4.13 -1.10 25.95
N THR A 114 4.28 -1.93 24.89
CA THR A 114 4.97 -1.52 23.64
C THR A 114 4.13 -0.45 22.91
N ALA A 115 2.82 -0.67 22.83
CA ALA A 115 1.87 0.21 22.12
C ALA A 115 1.85 1.60 22.81
N GLU A 116 1.74 1.61 24.13
CA GLU A 116 1.76 2.85 24.94
C GLU A 116 3.05 3.63 24.60
N TRP A 117 4.19 2.98 24.63
CA TRP A 117 5.50 3.62 24.37
C TRP A 117 5.58 4.08 22.90
N LEU A 118 4.97 3.34 21.97
CA LEU A 118 5.15 3.65 20.52
C LEU A 118 4.34 4.89 20.16
N TRP A 119 3.07 4.99 20.60
CA TRP A 119 2.24 6.21 20.43
C TRP A 119 2.91 7.45 21.05
N LYS A 120 3.48 7.32 22.26
CA LYS A 120 4.27 8.41 22.87
C LYS A 120 5.39 8.80 21.89
N GLU A 121 6.20 7.87 21.45
CA GLU A 121 7.32 8.23 20.55
C GLU A 121 6.79 8.89 19.29
N LEU A 122 5.70 8.39 18.70
CA LEU A 122 5.21 8.92 17.39
C LEU A 122 4.66 10.34 17.62
N GLY A 123 4.12 10.57 18.81
CA GLY A 123 3.47 11.83 19.21
C GLY A 123 4.46 12.88 19.69
N LYS A 124 5.74 12.56 19.90
CA LYS A 124 6.69 13.55 20.49
C LYS A 124 6.83 14.80 19.61
N LYS A 125 6.77 14.68 18.29
CA LYS A 125 7.02 15.82 17.36
C LYS A 125 5.81 16.04 16.45
N LYS A 126 4.64 15.51 16.81
CA LYS A 126 3.40 15.62 16.04
C LYS A 126 2.26 15.91 17.00
N THR A 127 1.25 16.64 16.51
CA THR A 127 0.04 17.06 17.25
C THR A 127 -1.16 16.43 16.57
N PRO A 128 -1.86 15.48 17.21
CA PRO A 128 -3.10 14.98 16.64
C PRO A 128 -4.03 16.18 16.35
N ARG A 129 -4.81 16.11 15.28
CA ARG A 129 -5.78 17.20 14.96
C ARG A 129 -6.85 16.63 14.04
N MET A 130 -8.03 17.23 14.04
CA MET A 130 -9.16 16.83 13.16
C MET A 130 -8.86 17.30 11.75
N CYS A 131 -9.21 16.48 10.76
CA CYS A 131 -9.13 16.85 9.32
C CYS A 131 -10.50 17.48 8.97
N THR A 132 -10.56 18.27 7.88
CA THR A 132 -11.67 19.24 7.61
C THR A 132 -12.46 18.88 6.35
N ARG A 133 -13.75 19.22 6.33
CA ARG A 133 -14.62 19.18 5.12
C ARG A 133 -13.83 19.72 3.94
N GLU A 134 -13.16 20.85 4.15
CA GLU A 134 -12.40 21.56 3.11
C GLU A 134 -11.34 20.59 2.57
N GLU A 135 -10.53 20.01 3.45
CA GLU A 135 -9.48 19.04 3.02
C GLU A 135 -10.13 17.89 2.26
N PHE A 136 -11.22 17.34 2.79
CA PHE A 136 -11.88 16.15 2.18
C PHE A 136 -12.40 16.50 0.79
N THR A 137 -13.06 17.65 0.66
CA THR A 137 -13.64 18.06 -0.64
C THR A 137 -12.51 18.13 -1.69
N ARG A 138 -11.40 18.75 -1.34
CA ARG A 138 -10.29 18.91 -2.32
C ARG A 138 -9.78 17.55 -2.76
N LYS A 139 -9.64 16.61 -1.83
CA LYS A 139 -9.17 15.25 -2.17
C LYS A 139 -10.09 14.66 -3.24
N VAL A 140 -11.40 14.81 -3.05
CA VAL A 140 -12.39 14.24 -4.02
C VAL A 140 -12.27 14.98 -5.35
N ARG A 141 -12.12 16.30 -5.32
CA ARG A 141 -11.97 17.09 -6.56
C ARG A 141 -10.71 16.64 -7.28
N SER A 142 -9.69 16.24 -6.51
CA SER A 142 -8.41 15.77 -7.10
C SER A 142 -8.53 14.28 -7.46
N ASN A 143 -9.66 13.66 -7.11
CA ASN A 143 -9.90 12.23 -7.45
C ASN A 143 -8.89 11.34 -6.72
N ALA A 144 -9.31 10.70 -5.63
CA ALA A 144 -8.44 9.79 -4.87
C ALA A 144 -9.26 8.61 -4.34
N ALA A 145 -8.63 7.44 -4.17
CA ALA A 145 -9.36 6.23 -3.72
C ALA A 145 -9.86 6.42 -2.28
N LEU A 146 -11.14 6.76 -2.13
CA LEU A 146 -11.82 6.95 -0.81
C LEU A 146 -12.81 5.79 -0.60
N GLY A 147 -12.77 4.78 -1.47
CA GLY A 147 -13.57 3.54 -1.36
C GLY A 147 -14.98 3.80 -0.90
N ALA A 148 -15.64 4.84 -1.44
CA ALA A 148 -17.04 5.22 -1.12
C ALA A 148 -18.00 4.49 -2.06
N ILE A 149 -19.31 4.69 -1.88
CA ILE A 149 -20.39 4.11 -2.74
C ILE A 149 -20.98 5.24 -3.60
N LYS A 155 -28.94 9.05 -4.63
CA LYS A 155 -29.21 10.48 -4.32
C LYS A 155 -28.19 11.35 -5.07
N TRP A 156 -26.94 10.90 -5.16
CA TRP A 156 -25.82 11.55 -5.90
C TRP A 156 -25.09 10.51 -6.75
N LYS A 157 -24.71 10.89 -7.97
CA LYS A 157 -24.00 10.00 -8.93
C LYS A 157 -22.61 9.66 -8.36
N SER A 158 -21.68 10.63 -8.40
CA SER A 158 -20.27 10.46 -7.99
C SER A 158 -20.06 11.01 -6.58
N ALA A 159 -18.81 11.01 -6.11
CA ALA A 159 -18.51 11.59 -4.78
C ALA A 159 -18.41 13.12 -4.91
N ARG A 160 -17.93 13.61 -6.05
CA ARG A 160 -17.75 15.06 -6.25
C ARG A 160 -19.11 15.77 -6.07
N GLU A 161 -20.18 15.20 -6.63
CA GLU A 161 -21.51 15.87 -6.56
C GLU A 161 -21.95 15.99 -5.11
N ALA A 162 -21.75 14.94 -4.31
CA ALA A 162 -22.24 14.94 -2.91
C ALA A 162 -21.53 16.03 -2.10
N VAL A 163 -20.25 16.26 -2.38
CA VAL A 163 -19.47 17.25 -1.59
C VAL A 163 -19.99 18.64 -1.94
N GLU A 164 -20.79 18.73 -3.00
CA GLU A 164 -21.36 20.04 -3.43
C GLU A 164 -22.83 20.12 -3.01
N ASP A 165 -23.29 19.18 -2.17
CA ASP A 165 -24.70 19.19 -1.70
C ASP A 165 -24.71 19.36 -0.18
N SER A 166 -25.37 20.41 0.31
CA SER A 166 -25.39 20.69 1.76
C SER A 166 -26.20 19.63 2.50
N GLY A 167 -27.16 18.99 1.82
CA GLY A 167 -27.96 17.93 2.45
C GLY A 167 -27.09 16.81 2.94
N PHE A 168 -26.13 16.39 2.11
CA PHE A 168 -25.18 15.32 2.50
C PHE A 168 -24.50 15.73 3.81
N TRP A 169 -24.08 16.99 3.89
CA TRP A 169 -23.37 17.47 5.10
C TRP A 169 -24.32 17.48 6.30
N GLU A 170 -25.60 17.75 6.07
CA GLU A 170 -26.59 17.67 7.18
C GLU A 170 -26.64 16.23 7.65
N LEU A 171 -26.53 15.29 6.71
CA LEU A 171 -26.52 13.84 7.03
C LEU A 171 -25.30 13.53 7.89
N VAL A 172 -24.12 14.03 7.48
CA VAL A 172 -22.86 13.84 8.26
C VAL A 172 -23.09 14.41 9.66
N ASP A 173 -23.73 15.58 9.74
CA ASP A 173 -23.95 16.24 11.05
C ASP A 173 -24.81 15.35 11.96
N LYS A 174 -25.92 14.84 11.44
CA LYS A 174 -26.78 13.94 12.24
C LYS A 174 -25.94 12.76 12.72
N GLU A 175 -25.13 12.19 11.82
CA GLU A 175 -24.29 11.01 12.15
C GLU A 175 -23.27 11.38 13.23
N ARG A 176 -22.58 12.50 13.04
CA ARG A 176 -21.58 13.06 13.99
C ARG A 176 -22.17 13.11 15.40
N ASN A 177 -23.17 13.97 15.62
CA ASN A 177 -23.82 14.18 16.95
C ASN A 177 -24.23 12.81 17.51
N LEU A 178 -24.71 11.91 16.64
CA LEU A 178 -24.97 10.48 16.98
C LEU A 178 -23.70 9.87 17.60
N HIS A 179 -22.55 10.01 16.93
CA HIS A 179 -21.24 9.51 17.42
C HIS A 179 -20.90 10.18 18.77
N LEU A 180 -21.16 11.49 18.90
CA LEU A 180 -21.01 12.23 20.18
C LEU A 180 -22.06 11.68 21.17
N GLU A 181 -23.27 11.41 20.67
CA GLU A 181 -24.37 10.74 21.42
C GLU A 181 -23.97 9.29 21.70
N GLY A 182 -22.80 8.88 21.19
CA GLY A 182 -22.16 7.56 21.48
C GLY A 182 -22.85 6.41 20.78
N LYS A 183 -23.51 6.67 19.65
CA LYS A 183 -24.29 5.67 18.88
C LYS A 183 -24.03 5.86 17.39
N CYS A 184 -24.46 4.90 16.56
CA CYS A 184 -24.14 4.84 15.10
C CYS A 184 -25.39 4.39 14.33
N GLU A 185 -25.65 4.96 13.14
CA GLU A 185 -26.84 4.59 12.33
C GLU A 185 -26.44 4.11 10.92
N THR A 186 -25.45 4.73 10.27
CA THR A 186 -25.24 4.61 8.80
C THR A 186 -23.83 4.13 8.44
N CYS A 187 -22.94 3.92 9.41
CA CYS A 187 -21.54 3.45 9.17
C CYS A 187 -21.52 1.92 9.06
N VAL A 188 -21.87 1.43 7.86
CA VAL A 188 -22.00 0.00 7.47
C VAL A 188 -21.04 -0.31 6.32
N TYR A 189 -20.35 -1.45 6.41
CA TYR A 189 -19.36 -1.88 5.38
C TYR A 189 -20.05 -2.68 4.26
N ASN A 190 -19.49 -2.64 3.06
CA ASN A 190 -19.85 -3.50 1.90
C ASN A 190 -18.62 -4.29 1.41
N MET A 191 -18.63 -5.62 1.53
CA MET A 191 -17.45 -6.48 1.24
C MET A 191 -17.39 -6.76 -0.27
N MET A 192 -16.17 -6.88 -0.83
CA MET A 192 -15.90 -7.17 -2.28
C MET A 192 -14.41 -7.50 -2.47
N ALA A 210 -10.87 -9.31 -0.22
CA ALA A 210 -12.12 -8.71 0.32
C ALA A 210 -11.84 -7.28 0.78
N ILE A 211 -12.19 -6.29 -0.05
CA ILE A 211 -12.05 -4.82 0.22
C ILE A 211 -13.44 -4.22 0.47
N TRP A 212 -13.66 -3.67 1.67
CA TRP A 212 -14.99 -3.18 2.12
C TRP A 212 -15.14 -1.68 1.81
N TYR A 213 -16.21 -1.31 1.11
CA TYR A 213 -16.63 0.09 0.85
C TYR A 213 -17.56 0.58 1.98
N MET A 214 -17.41 1.84 2.37
CA MET A 214 -18.41 2.62 3.15
C MET A 214 -18.91 3.74 2.23
N TRP A 215 -20.07 4.34 2.52
CA TRP A 215 -20.57 5.51 1.75
C TRP A 215 -19.80 6.76 2.19
N LEU A 216 -19.71 7.75 1.30
CA LEU A 216 -18.80 8.93 1.44
C LEU A 216 -18.89 9.56 2.82
N GLY A 217 -20.11 9.71 3.34
CA GLY A 217 -20.39 10.28 4.67
C GLY A 217 -19.60 9.60 5.77
N ALA A 218 -19.65 8.28 5.86
CA ALA A 218 -18.93 7.53 6.93
C ALA A 218 -17.41 7.62 6.68
N ARG A 219 -16.97 7.72 5.42
CA ARG A 219 -15.55 7.93 5.05
C ARG A 219 -15.08 9.28 5.58
N PHE A 220 -15.94 10.30 5.49
CA PHE A 220 -15.62 11.66 5.99
C PHE A 220 -15.32 11.57 7.48
N LEU A 221 -16.23 10.98 8.26
CA LEU A 221 -16.12 10.92 9.75
C LEU A 221 -14.88 10.09 10.14
N GLU A 222 -14.57 9.03 9.41
CA GLU A 222 -13.31 8.29 9.62
C GLU A 222 -12.11 9.23 9.38
N PHE A 223 -12.10 9.97 8.27
CA PHE A 223 -11.02 10.92 7.83
C PHE A 223 -10.85 12.07 8.81
N GLU A 224 -11.97 12.60 9.32
CA GLU A 224 -12.02 13.73 10.29
C GLU A 224 -11.28 13.33 11.57
N ALA A 225 -11.48 12.10 12.01
CA ALA A 225 -10.96 11.61 13.30
C ALA A 225 -9.51 11.13 13.15
N LEU A 226 -9.13 10.55 12.00
CA LEU A 226 -7.90 9.71 11.90
C LEU A 226 -7.03 10.05 10.68
N GLY A 227 -7.49 10.91 9.79
CA GLY A 227 -6.72 11.31 8.59
C GLY A 227 -5.39 11.95 8.92
N PHE A 228 -5.28 12.51 10.12
CA PHE A 228 -4.02 13.17 10.53
C PHE A 228 -2.86 12.16 10.44
N LEU A 229 -3.09 10.88 10.74
CA LEU A 229 -2.04 9.83 10.72
C LEU A 229 -1.34 9.86 9.36
N ASN A 230 -2.13 9.89 8.29
CA ASN A 230 -1.59 9.96 6.90
C ASN A 230 -1.30 11.41 6.50
N GLU A 231 -2.29 12.30 6.62
CA GLU A 231 -2.12 13.73 6.18
C GLU A 231 -0.88 14.40 6.82
N ASP A 232 -0.51 14.09 8.09
CA ASP A 232 0.64 14.70 8.82
C ASP A 232 1.81 13.70 8.95
N HIS A 233 1.82 12.63 8.16
CA HIS A 233 3.03 11.79 7.94
C HIS A 233 3.56 11.21 9.25
N TRP A 234 2.70 10.63 10.08
CA TRP A 234 3.10 10.01 11.38
C TRP A 234 4.04 8.81 11.14
N PHE A 235 3.93 8.16 9.98
CA PHE A 235 4.74 6.98 9.59
C PHE A 235 5.81 7.35 8.55
N SER A 236 6.16 8.63 8.42
CA SER A 236 7.41 9.06 7.73
C SER A 236 8.58 8.35 8.40
N ARG A 237 9.68 8.14 7.68
CA ARG A 237 10.89 7.57 8.29
C ARG A 237 11.42 8.51 9.39
N GLU A 238 11.44 9.82 9.11
CA GLU A 238 12.01 10.83 10.04
C GLU A 238 11.25 10.78 11.37
N ASN A 239 9.94 10.64 11.33
CA ASN A 239 9.12 10.63 12.56
C ASN A 239 9.02 9.27 13.28
N SER A 240 8.89 8.18 12.54
CA SER A 240 8.93 6.77 13.02
C SER A 240 10.07 6.06 12.31
N LEU A 241 11.19 5.86 12.98
CA LEU A 241 12.48 5.43 12.37
C LEU A 241 12.31 4.10 11.62
N SER A 242 11.16 3.43 11.72
CA SER A 242 10.90 2.17 10.95
C SER A 242 10.13 2.43 9.67
N GLY A 243 9.26 3.43 9.68
CA GLY A 243 8.31 3.67 8.59
C GLY A 243 8.99 4.20 7.35
N VAL A 244 8.25 4.21 6.26
CA VAL A 244 8.67 4.67 4.91
C VAL A 244 7.50 5.46 4.25
N GLU A 245 6.47 5.88 4.98
CA GLU A 245 5.31 6.58 4.35
C GLU A 245 5.82 7.82 3.58
N GLY A 246 5.41 7.98 2.33
CA GLY A 246 5.85 9.14 1.51
C GLY A 246 7.24 8.94 0.93
N GLU A 247 7.94 7.81 1.18
CA GLU A 247 9.37 7.75 0.78
C GLU A 247 9.41 7.66 -0.75
N GLY A 248 8.79 6.68 -1.40
CA GLY A 248 8.99 6.61 -2.88
C GLY A 248 9.97 5.49 -3.24
N LEU A 249 9.71 4.84 -4.37
N LEU A 249 9.70 4.80 -4.36
CA LEU A 249 10.39 3.61 -4.84
CA LEU A 249 10.43 3.58 -4.80
C LEU A 249 11.88 3.86 -5.03
C LEU A 249 11.92 3.87 -4.95
N HIS A 250 12.24 5.10 -5.37
CA HIS A 250 13.63 5.56 -5.60
C HIS A 250 14.38 5.72 -4.29
N LYS A 251 13.67 5.70 -3.15
CA LYS A 251 14.25 5.85 -1.80
C LYS A 251 14.38 4.49 -1.11
N LEU A 252 13.41 3.58 -1.31
CA LEU A 252 13.34 2.29 -0.54
C LEU A 252 14.65 1.53 -0.60
N GLY A 253 15.31 1.49 -1.75
CA GLY A 253 16.59 0.76 -1.89
C GLY A 253 17.68 1.36 -1.04
N TYR A 254 17.78 2.69 -1.01
CA TYR A 254 18.77 3.40 -0.18
C TYR A 254 18.48 3.14 1.31
N ILE A 255 17.22 3.09 1.66
CA ILE A 255 16.82 2.83 3.06
C ILE A 255 17.26 1.43 3.45
N LEU A 256 17.01 0.40 2.64
CA LEU A 256 17.39 -1.00 2.93
C LEU A 256 18.91 -1.11 3.06
N ARG A 257 19.65 -0.42 2.19
CA ARG A 257 21.13 -0.38 2.25
C ARG A 257 21.59 0.31 3.55
N ASP A 258 20.87 1.35 3.98
CA ASP A 258 21.19 2.01 5.30
C ASP A 258 20.96 0.99 6.44
N VAL A 259 19.86 0.28 6.47
CA VAL A 259 19.66 -0.79 7.46
C VAL A 259 20.82 -1.80 7.36
N SER A 260 21.26 -2.19 6.17
CA SER A 260 22.32 -3.22 5.95
C SER A 260 23.62 -2.81 6.66
N LYS A 261 23.84 -1.51 6.86
CA LYS A 261 25.11 -0.92 7.39
C LYS A 261 25.23 -1.12 8.90
N LYS A 262 24.11 -1.35 9.58
CA LYS A 262 24.05 -1.67 11.03
C LYS A 262 24.75 -3.01 11.26
N GLU A 263 25.44 -3.11 12.39
CA GLU A 263 25.99 -4.39 12.87
C GLU A 263 24.78 -5.24 13.27
N GLY A 264 24.75 -6.51 12.89
CA GLY A 264 23.70 -7.44 13.33
C GLY A 264 23.67 -8.71 12.51
N GLY A 265 22.54 -9.41 12.54
CA GLY A 265 22.46 -10.72 11.86
C GLY A 265 21.99 -10.55 10.43
N ALA A 266 21.35 -11.59 9.91
CA ALA A 266 20.79 -11.61 8.55
C ALA A 266 19.70 -10.52 8.46
N MET A 267 19.16 -10.31 7.27
CA MET A 267 17.96 -9.46 7.11
C MET A 267 16.76 -10.42 6.96
N TYR A 268 15.71 -10.19 7.74
CA TYR A 268 14.51 -11.06 7.79
C TYR A 268 13.38 -10.29 7.18
N ALA A 269 12.62 -10.96 6.32
CA ALA A 269 11.48 -10.35 5.64
C ALA A 269 10.40 -11.41 5.60
N ASP A 270 9.85 -11.75 6.75
CA ASP A 270 8.75 -12.73 6.81
C ASP A 270 7.44 -12.02 6.51
N ASP A 271 6.71 -12.48 5.48
CA ASP A 271 5.33 -12.05 5.18
C ASP A 271 4.37 -12.81 6.11
N THR A 272 3.31 -12.15 6.57
CA THR A 272 2.23 -12.74 7.39
C THR A 272 1.18 -13.31 6.44
N ALA A 273 0.62 -14.47 6.79
CA ALA A 273 -0.52 -15.08 6.05
C ALA A 273 -1.80 -14.28 6.41
N GLY A 274 -2.31 -13.47 5.49
CA GLY A 274 -3.55 -12.68 5.62
C GLY A 274 -3.55 -11.79 6.85
N TRP A 275 -2.62 -10.85 6.88
CA TRP A 275 -2.49 -9.84 7.96
C TRP A 275 -3.83 -9.30 8.48
N ASP A 276 -4.67 -8.75 7.59
CA ASP A 276 -5.93 -8.05 7.98
C ASP A 276 -6.85 -9.01 8.75
N THR A 277 -6.82 -10.31 8.44
CA THR A 277 -7.68 -11.35 9.08
C THR A 277 -7.14 -11.75 10.45
N ARG A 278 -5.86 -11.45 10.74
CA ARG A 278 -5.19 -11.84 12.01
C ARG A 278 -5.14 -10.68 12.99
N ILE A 279 -5.79 -9.56 12.70
CA ILE A 279 -5.84 -8.41 13.66
C ILE A 279 -6.86 -8.73 14.77
N THR A 280 -6.38 -8.82 16.01
CA THR A 280 -7.14 -9.24 17.20
C THR A 280 -7.85 -8.02 17.78
N LEU A 281 -8.92 -8.22 18.54
CA LEU A 281 -9.55 -7.12 19.31
C LEU A 281 -8.48 -6.49 20.22
N GLU A 282 -7.54 -7.25 20.75
CA GLU A 282 -6.42 -6.71 21.57
C GLU A 282 -5.56 -5.74 20.73
N ASP A 283 -5.23 -6.10 19.49
CA ASP A 283 -4.60 -5.15 18.55
C ASP A 283 -5.47 -3.88 18.39
N LEU A 284 -6.76 -4.03 18.07
CA LEU A 284 -7.71 -2.87 17.88
C LEU A 284 -7.74 -1.95 19.13
N LYS A 285 -7.60 -2.50 20.34
CA LYS A 285 -7.56 -1.74 21.62
C LYS A 285 -6.22 -0.99 21.77
N ASN A 286 -5.10 -1.58 21.41
CA ASN A 286 -3.78 -0.87 21.49
C ASN A 286 -3.71 0.26 20.44
N GLU A 287 -4.32 0.09 19.27
CA GLU A 287 -4.40 1.15 18.22
C GLU A 287 -5.24 2.34 18.75
N GLU A 288 -6.34 2.05 19.42
CA GLU A 288 -7.26 3.04 20.06
C GLU A 288 -6.49 3.92 21.06
N MET A 289 -5.38 3.46 21.62
CA MET A 289 -4.68 4.28 22.63
C MET A 289 -4.13 5.55 22.00
N VAL A 290 -4.16 5.68 20.67
CA VAL A 290 -3.79 7.00 20.04
C VAL A 290 -4.78 8.07 20.54
N THR A 291 -6.04 7.73 20.85
CA THR A 291 -7.02 8.73 21.39
C THR A 291 -6.52 9.34 22.72
N ASN A 292 -5.68 8.63 23.47
CA ASN A 292 -5.08 9.16 24.72
C ASN A 292 -4.23 10.40 24.45
N HIS A 293 -3.87 10.70 23.20
CA HIS A 293 -2.96 11.83 22.86
C HIS A 293 -3.78 13.03 22.35
N MET A 294 -5.09 12.87 22.35
CA MET A 294 -6.07 13.80 21.73
C MET A 294 -6.80 14.58 22.83
N GLU A 295 -7.62 15.52 22.44
CA GLU A 295 -8.38 16.35 23.41
C GLU A 295 -9.71 16.79 22.83
N GLY A 296 -10.57 17.26 23.74
CA GLY A 296 -11.87 17.86 23.45
C GLY A 296 -12.67 16.97 22.54
N GLU A 297 -13.24 17.61 21.51
CA GLU A 297 -14.16 17.01 20.51
C GLU A 297 -13.46 15.85 19.78
N HIS A 298 -12.27 16.11 19.26
CA HIS A 298 -11.46 15.15 18.46
C HIS A 298 -11.42 13.81 19.21
N LYS A 299 -10.96 13.82 20.46
CA LYS A 299 -10.81 12.60 21.30
C LYS A 299 -12.12 11.81 21.28
N LYS A 300 -13.26 12.49 21.38
CA LYS A 300 -14.60 11.82 21.43
C LYS A 300 -14.93 11.25 20.05
N LEU A 301 -14.73 12.03 19.00
CA LEU A 301 -14.99 11.59 17.60
C LEU A 301 -14.13 10.34 17.28
N ALA A 302 -12.82 10.38 17.56
CA ALA A 302 -11.85 9.27 17.36
C ALA A 302 -12.28 8.05 18.16
N GLU A 303 -12.67 8.25 19.42
CA GLU A 303 -13.13 7.17 20.33
C GLU A 303 -14.35 6.47 19.70
N ALA A 304 -15.25 7.25 19.10
CA ALA A 304 -16.47 6.70 18.47
C ALA A 304 -16.09 5.88 17.24
N ILE A 305 -15.17 6.35 16.40
CA ILE A 305 -14.77 5.59 15.19
C ILE A 305 -14.23 4.24 15.68
N PHE A 306 -13.32 4.26 16.64
CA PHE A 306 -12.67 3.03 17.16
C PHE A 306 -13.69 2.06 17.78
N LYS A 307 -14.53 2.57 18.69
CA LYS A 307 -15.57 1.82 19.45
C LYS A 307 -16.65 1.29 18.49
N LEU A 308 -17.20 2.16 17.65
CA LEU A 308 -18.45 1.88 16.87
C LEU A 308 -18.27 1.24 15.49
N THR A 309 -17.13 1.49 14.83
CA THR A 309 -16.89 1.10 13.42
C THR A 309 -15.64 0.22 13.28
N TYR A 310 -14.87 0.01 14.36
CA TYR A 310 -13.64 -0.83 14.35
C TYR A 310 -13.79 -2.01 15.33
N GLN A 311 -13.99 -1.73 16.63
CA GLN A 311 -14.13 -2.77 17.69
C GLN A 311 -15.54 -3.38 17.57
N ASN A 312 -16.38 -2.79 16.71
CA ASN A 312 -17.68 -3.34 16.25
C ASN A 312 -17.85 -3.00 14.76
N LYS A 313 -18.36 -3.94 13.96
CA LYS A 313 -18.50 -3.79 12.49
C LYS A 313 -19.85 -4.37 12.04
N VAL A 314 -20.42 -3.83 10.97
CA VAL A 314 -21.66 -4.35 10.35
C VAL A 314 -21.34 -4.31 8.87
N VAL A 315 -21.63 -5.39 8.17
CA VAL A 315 -21.17 -5.57 6.76
C VAL A 315 -22.32 -6.13 5.95
N ARG A 316 -22.40 -5.73 4.69
CA ARG A 316 -23.39 -6.25 3.75
C ARG A 316 -22.61 -6.97 2.64
N VAL A 317 -22.80 -8.30 2.54
CA VAL A 317 -22.10 -9.19 1.57
C VAL A 317 -23.15 -9.86 0.67
N GLN A 318 -22.96 -9.79 -0.65
CA GLN A 318 -23.85 -10.42 -1.66
C GLN A 318 -23.54 -11.92 -1.76
N ARG A 319 -24.58 -12.76 -1.71
CA ARG A 319 -24.49 -14.23 -1.83
C ARG A 319 -25.32 -14.68 -3.04
N PRO A 320 -24.76 -15.50 -3.97
CA PRO A 320 -25.50 -15.92 -5.17
C PRO A 320 -26.86 -16.62 -5.00
N THR A 321 -27.00 -17.45 -3.95
CA THR A 321 -28.16 -18.34 -3.71
C THR A 321 -29.47 -17.55 -3.77
N THR A 325 -29.73 -13.98 -5.82
CA THR A 325 -28.70 -13.20 -5.08
C THR A 325 -29.38 -12.38 -3.98
N VAL A 326 -29.05 -12.67 -2.72
CA VAL A 326 -29.55 -11.94 -1.51
C VAL A 326 -28.46 -10.99 -1.01
N MET A 327 -28.79 -10.16 -0.03
CA MET A 327 -27.83 -9.33 0.75
C MET A 327 -27.82 -9.86 2.19
N ASP A 328 -26.63 -10.16 2.72
CA ASP A 328 -26.43 -10.78 4.06
C ASP A 328 -25.81 -9.73 4.99
N ILE A 329 -26.47 -9.47 6.13
CA ILE A 329 -26.09 -8.39 7.08
C ILE A 329 -25.42 -9.12 8.22
N ILE A 330 -24.10 -9.06 8.23
CA ILE A 330 -23.27 -9.85 9.18
C ILE A 330 -22.46 -8.86 10.01
N SER A 331 -21.91 -9.33 11.12
CA SER A 331 -21.16 -8.51 12.07
C SER A 331 -20.06 -9.35 12.76
N ARG A 332 -19.07 -8.67 13.33
CA ARG A 332 -18.01 -9.26 14.18
C ARG A 332 -17.18 -8.13 14.77
N ARG A 333 -16.30 -8.45 15.72
CA ARG A 333 -15.54 -7.45 16.52
C ARG A 333 -14.12 -7.29 15.94
N ASP A 334 -13.31 -8.35 15.95
CA ASP A 334 -11.87 -8.34 15.57
C ASP A 334 -11.74 -8.33 14.04
N GLN A 335 -10.50 -8.27 13.54
CA GLN A 335 -10.11 -8.17 12.11
C GLN A 335 -10.02 -6.70 11.69
N ARG A 336 -9.25 -6.41 10.64
CA ARG A 336 -9.07 -5.07 10.03
C ARG A 336 -10.24 -4.74 9.09
N GLY A 337 -11.02 -3.73 9.47
CA GLY A 337 -12.07 -3.10 8.66
C GLY A 337 -12.03 -1.59 8.85
N SER A 338 -11.41 -0.88 7.90
CA SER A 338 -11.19 0.59 7.89
C SER A 338 -10.90 1.03 6.44
N GLY A 339 -10.99 2.33 6.17
CA GLY A 339 -10.47 2.91 4.92
C GLY A 339 -9.11 2.34 4.60
N GLN A 340 -8.71 2.34 3.33
CA GLN A 340 -7.44 1.72 2.86
C GLN A 340 -6.24 2.54 3.35
N VAL A 341 -6.42 3.85 3.59
CA VAL A 341 -5.32 4.76 4.05
C VAL A 341 -5.09 4.67 5.57
N VAL A 342 -6.19 4.67 6.35
CA VAL A 342 -6.13 4.48 7.82
C VAL A 342 -5.56 3.08 8.10
N THR A 343 -6.05 2.06 7.38
CA THR A 343 -5.60 0.65 7.50
C THR A 343 -4.08 0.57 7.27
N TYR A 344 -3.53 1.33 6.31
CA TYR A 344 -2.08 1.36 6.09
C TYR A 344 -1.37 1.81 7.37
N GLY A 345 -1.83 2.90 7.97
CA GLY A 345 -1.14 3.49 9.12
C GLY A 345 -1.20 2.60 10.34
N LEU A 346 -2.36 1.97 10.57
CA LEU A 346 -2.59 1.16 11.78
C LEU A 346 -1.89 -0.20 11.58
N ASN A 347 -1.86 -0.70 10.33
CA ASN A 347 -1.06 -1.90 9.97
C ASN A 347 0.41 -1.62 10.29
N THR A 348 0.93 -0.48 9.85
CA THR A 348 2.35 -0.08 10.10
C THR A 348 2.60 -0.07 11.62
N PHE A 349 1.72 0.57 12.37
CA PHE A 349 1.84 0.72 13.84
C PHE A 349 1.93 -0.67 14.49
N THR A 350 0.94 -1.53 14.22
CA THR A 350 0.79 -2.84 14.89
C THR A 350 1.95 -3.74 14.43
N ASN A 351 2.41 -3.60 13.19
CA ASN A 351 3.57 -4.34 12.65
C ASN A 351 4.85 -3.86 13.35
N MET A 352 5.02 -2.56 13.54
CA MET A 352 6.17 -2.01 14.27
C MET A 352 6.19 -2.63 15.69
N GLU A 353 5.02 -2.69 16.32
CA GLU A 353 4.85 -3.24 17.68
C GLU A 353 5.27 -4.73 17.69
N ALA A 354 4.65 -5.54 16.85
CA ALA A 354 4.95 -6.97 16.75
C ALA A 354 6.45 -7.19 16.52
N GLN A 355 7.08 -6.40 15.65
CA GLN A 355 8.50 -6.67 15.33
C GLN A 355 9.43 -6.24 16.46
N LEU A 356 9.17 -5.16 17.21
CA LEU A 356 10.00 -4.82 18.41
C LEU A 356 9.86 -5.95 19.45
N ILE A 357 8.68 -6.49 19.65
CA ILE A 357 8.44 -7.58 20.63
C ILE A 357 9.22 -8.83 20.16
N ARG A 358 9.18 -9.16 18.87
CA ARG A 358 9.98 -10.28 18.32
C ARG A 358 11.47 -10.04 18.57
N GLN A 359 11.92 -8.81 18.37
CA GLN A 359 13.31 -8.44 18.70
C GLN A 359 13.54 -8.65 20.22
N MET A 360 12.64 -8.24 21.10
CA MET A 360 12.82 -8.39 22.57
C MET A 360 13.03 -9.90 22.90
N GLU A 361 12.19 -10.76 22.35
CA GLU A 361 12.27 -12.23 22.51
C GLU A 361 13.64 -12.71 22.03
N GLY A 362 14.14 -12.28 20.87
CA GLY A 362 15.48 -12.71 20.43
C GLY A 362 16.59 -12.31 21.40
N GLU A 363 16.48 -11.12 21.97
CA GLU A 363 17.46 -10.57 22.93
C GLU A 363 17.21 -11.12 24.35
N GLY A 364 16.25 -12.00 24.57
CA GLY A 364 15.98 -12.53 25.92
C GLY A 364 15.61 -11.45 26.92
N VAL A 365 14.82 -10.43 26.54
CA VAL A 365 14.29 -9.38 27.47
C VAL A 365 13.25 -10.03 28.40
N PHE A 366 12.53 -11.04 27.90
CA PHE A 366 11.51 -11.83 28.64
C PHE A 366 11.69 -13.32 28.25
N LYS A 367 11.18 -14.23 29.09
CA LYS A 367 11.37 -15.69 28.91
C LYS A 367 10.05 -16.35 28.50
N SER A 368 8.92 -15.87 29.03
CA SER A 368 7.61 -16.57 28.94
C SER A 368 6.51 -15.63 28.45
N ILE A 369 5.80 -16.01 27.40
CA ILE A 369 4.63 -15.22 26.93
C ILE A 369 3.45 -15.54 27.85
N GLN A 370 3.59 -16.60 28.65
CA GLN A 370 2.47 -17.06 29.52
C GLN A 370 2.17 -16.00 30.58
N HIS A 371 3.21 -15.45 31.19
CA HIS A 371 3.02 -14.45 32.26
C HIS A 371 4.29 -13.61 32.39
N LEU A 372 4.13 -12.30 32.55
CA LEU A 372 5.30 -11.42 32.73
C LEU A 372 5.48 -11.14 34.21
N THR A 373 6.69 -11.35 34.72
CA THR A 373 7.00 -11.02 36.13
C THR A 373 6.92 -9.51 36.28
N VAL A 374 6.97 -9.03 37.51
CA VAL A 374 6.96 -7.56 37.77
C VAL A 374 8.29 -6.96 37.28
N THR A 375 9.41 -7.64 37.55
CA THR A 375 10.76 -7.15 37.18
C THR A 375 10.94 -7.27 35.65
N GLU A 376 10.19 -8.17 34.99
CA GLU A 376 10.23 -8.34 33.50
C GLU A 376 9.48 -7.18 32.86
N GLU A 377 8.43 -6.65 33.49
CA GLU A 377 7.77 -5.40 33.01
C GLU A 377 8.76 -4.25 33.01
N ILE A 378 9.48 -4.05 34.10
CA ILE A 378 10.46 -2.92 34.20
C ILE A 378 11.57 -3.12 33.18
N ALA A 379 11.98 -4.37 32.93
CA ALA A 379 13.05 -4.64 31.93
C ALA A 379 12.58 -4.26 30.52
N VAL A 380 11.39 -4.73 30.12
CA VAL A 380 10.77 -4.40 28.82
C VAL A 380 10.76 -2.86 28.66
N LYS A 381 10.30 -2.17 29.69
CA LYS A 381 10.24 -0.68 29.73
C LYS A 381 11.67 -0.12 29.62
N ASN A 382 12.60 -0.63 30.44
CA ASN A 382 14.03 -0.20 30.42
C ASN A 382 14.57 -0.35 29.00
N TRP A 383 14.24 -1.47 28.35
CA TRP A 383 14.76 -1.81 26.99
C TRP A 383 14.22 -0.76 26.00
N LEU A 384 12.90 -0.54 26.00
CA LEU A 384 12.24 0.43 25.08
C LEU A 384 12.89 1.81 25.24
N VAL A 385 13.07 2.28 26.47
CA VAL A 385 13.61 3.63 26.80
C VAL A 385 15.09 3.68 26.41
N ARG A 386 15.82 2.60 26.68
CA ARG A 386 17.29 2.54 26.48
C ARG A 386 17.63 2.37 24.98
N VAL A 387 16.94 1.47 24.28
CA VAL A 387 17.34 1.10 22.88
C VAL A 387 16.18 1.08 21.87
N GLY A 388 14.95 1.39 22.29
CA GLY A 388 13.74 1.32 21.45
C GLY A 388 13.96 2.02 20.11
N ARG A 389 14.51 3.21 20.12
CA ARG A 389 14.64 4.00 18.88
C ARG A 389 15.71 3.31 18.03
N GLU A 390 16.79 2.84 18.66
CA GLU A 390 17.85 2.15 17.86
C GLU A 390 17.25 0.91 17.15
N ARG A 391 16.35 0.19 17.82
CA ARG A 391 15.75 -1.06 17.32
C ARG A 391 14.73 -0.71 16.23
N LEU A 392 14.06 0.45 16.32
CA LEU A 392 13.11 0.88 15.24
C LEU A 392 13.92 1.19 13.99
N SER A 393 15.10 1.75 14.14
CA SER A 393 15.91 2.15 12.96
C SER A 393 16.44 0.93 12.23
N ARG A 394 16.34 -0.29 12.82
CA ARG A 394 16.83 -1.55 12.21
C ARG A 394 15.73 -2.17 11.32
N MET A 395 14.63 -1.45 11.17
CA MET A 395 13.46 -1.94 10.42
C MET A 395 13.03 -0.96 9.32
N ALA A 396 12.50 -1.51 8.25
CA ALA A 396 11.69 -0.84 7.23
C ALA A 396 10.33 -1.54 7.18
N ILE A 397 9.27 -0.81 7.48
CA ILE A 397 7.90 -1.33 7.67
C ILE A 397 6.92 -0.48 6.87
N SER A 398 6.23 -1.14 5.96
CA SER A 398 5.19 -0.58 5.07
C SER A 398 3.93 -1.40 5.30
N GLY A 399 3.03 -0.93 6.17
CA GLY A 399 1.83 -1.72 6.50
C GLY A 399 2.22 -3.12 6.97
N ASP A 400 1.65 -4.15 6.36
CA ASP A 400 1.92 -5.56 6.77
C ASP A 400 3.27 -6.04 6.24
N ASP A 401 4.03 -5.21 5.51
CA ASP A 401 5.33 -5.62 4.93
C ASP A 401 6.49 -5.11 5.78
N CYS A 402 7.45 -5.97 6.12
CA CYS A 402 8.63 -5.59 6.94
C CYS A 402 9.92 -6.24 6.45
N VAL A 403 11.01 -5.55 6.77
CA VAL A 403 12.42 -6.04 6.72
C VAL A 403 13.02 -5.65 8.07
N VAL A 404 13.59 -6.61 8.77
CA VAL A 404 14.25 -6.40 10.10
C VAL A 404 15.69 -6.85 10.03
N LYS A 405 16.60 -6.01 10.46
CA LYS A 405 18.00 -6.40 10.73
C LYS A 405 18.23 -6.42 12.23
N PRO A 406 17.98 -7.59 12.89
CA PRO A 406 18.11 -7.69 14.33
C PRO A 406 19.58 -7.68 14.76
N LEU A 407 19.75 -7.55 16.06
CA LEU A 407 21.07 -7.53 16.73
C LEU A 407 21.87 -8.79 16.34
N ASP A 408 21.20 -9.94 16.17
CA ASP A 408 21.88 -11.22 15.79
C ASP A 408 20.82 -12.22 15.33
N ASP A 409 21.21 -13.46 15.03
CA ASP A 409 20.28 -14.44 14.42
C ASP A 409 19.45 -15.21 15.46
N ARG A 410 19.48 -14.88 16.75
CA ARG A 410 18.51 -15.51 17.71
C ARG A 410 17.08 -15.19 17.30
N PHE A 411 16.85 -14.00 16.70
CA PHE A 411 15.56 -13.54 16.13
C PHE A 411 14.90 -14.62 15.26
N ALA A 412 15.68 -15.35 14.45
CA ALA A 412 15.19 -16.38 13.49
C ALA A 412 14.27 -17.39 14.17
N SER A 413 14.59 -17.81 15.39
CA SER A 413 13.84 -18.84 16.15
C SER A 413 13.04 -18.21 17.29
N ALA A 414 12.97 -16.88 17.39
CA ALA A 414 12.12 -16.22 18.42
C ALA A 414 10.70 -16.11 17.90
N LEU A 415 9.88 -17.14 18.09
CA LEU A 415 8.57 -17.28 17.40
C LEU A 415 7.39 -17.35 18.37
N THR A 416 7.56 -17.36 19.69
CA THR A 416 6.41 -17.66 20.57
C THR A 416 5.46 -16.46 20.60
N ALA A 417 6.00 -15.26 20.81
CA ALA A 417 5.17 -14.01 20.84
C ALA A 417 4.54 -13.77 19.46
N LEU A 418 5.34 -13.89 18.39
CA LEU A 418 4.83 -13.64 17.01
C LEU A 418 3.67 -14.59 16.71
N ASN A 419 3.83 -15.90 17.00
CA ASN A 419 2.76 -16.90 16.76
C ASN A 419 1.56 -16.57 17.67
N ASP A 420 1.79 -16.29 18.97
CA ASP A 420 0.69 -16.06 19.96
C ASP A 420 -0.02 -14.71 19.71
N MET A 421 0.65 -13.69 19.15
CA MET A 421 -0.06 -12.44 18.70
C MET A 421 -0.96 -12.75 17.50
N GLY A 422 -0.85 -13.95 16.93
CA GLY A 422 -1.62 -14.37 15.72
C GLY A 422 -0.98 -13.94 14.40
N LYS A 423 0.21 -13.35 14.40
CA LYS A 423 0.92 -12.90 13.16
C LYS A 423 1.73 -14.06 12.59
N VAL A 424 1.01 -15.11 12.16
CA VAL A 424 1.54 -16.41 11.65
C VAL A 424 2.23 -16.16 10.31
N ARG A 425 3.46 -16.68 10.14
CA ARG A 425 4.25 -16.45 8.91
C ARG A 425 3.66 -17.26 7.76
N LYS A 426 3.76 -16.71 6.55
CA LYS A 426 3.35 -17.32 5.25
C LYS A 426 4.29 -18.50 4.89
N ASP A 427 3.74 -19.53 4.26
CA ASP A 427 4.49 -20.65 3.61
C ASP A 427 5.82 -20.91 4.34
N ILE A 428 5.71 -21.32 5.60
CA ILE A 428 6.78 -21.92 6.46
C ILE A 428 6.05 -22.51 7.66
N GLN A 429 6.53 -23.64 8.20
CA GLN A 429 5.88 -24.34 9.34
C GLN A 429 6.00 -23.47 10.60
N GLN A 430 4.98 -23.54 11.46
CA GLN A 430 4.76 -22.56 12.56
C GLN A 430 6.03 -22.40 13.41
N TRP A 431 6.75 -23.50 13.66
CA TRP A 431 7.92 -23.51 14.59
C TRP A 431 9.26 -23.67 13.86
N GLU A 432 9.27 -23.56 12.54
CA GLU A 432 10.51 -23.63 11.71
C GLU A 432 11.18 -22.25 11.76
N PRO A 433 12.47 -22.15 12.12
CA PRO A 433 13.14 -20.85 12.17
C PRO A 433 13.09 -20.11 10.82
N SER A 434 13.09 -18.77 10.85
CA SER A 434 13.01 -17.91 9.66
C SER A 434 14.31 -18.07 8.88
N ARG A 435 14.25 -18.04 7.56
CA ARG A 435 15.44 -18.01 6.68
C ARG A 435 15.67 -16.53 6.32
N GLY A 436 16.80 -15.98 6.74
CA GLY A 436 17.17 -14.58 6.50
C GLY A 436 17.99 -14.43 5.24
N TRP A 437 18.19 -13.19 4.82
CA TRP A 437 18.94 -12.84 3.62
C TRP A 437 20.28 -12.28 4.07
N ASN A 438 21.33 -12.69 3.39
CA ASN A 438 22.71 -12.24 3.68
C ASN A 438 23.04 -10.98 2.91
N ASP A 439 22.31 -10.66 1.84
CA ASP A 439 22.68 -9.55 0.93
C ASP A 439 21.44 -8.65 0.78
N TRP A 440 21.57 -7.36 1.07
CA TRP A 440 20.45 -6.40 0.99
C TRP A 440 19.88 -6.33 -0.43
N THR A 441 20.66 -6.69 -1.46
CA THR A 441 20.21 -6.66 -2.88
C THR A 441 19.28 -7.84 -3.24
N GLN A 442 19.06 -8.80 -2.34
CA GLN A 442 18.18 -9.97 -2.57
C GLN A 442 16.92 -9.92 -1.68
N VAL A 443 16.85 -8.98 -0.73
CA VAL A 443 15.68 -8.84 0.18
C VAL A 443 14.46 -8.39 -0.61
N PRO A 444 13.31 -9.06 -0.49
CA PRO A 444 12.07 -8.55 -1.07
C PRO A 444 11.47 -7.48 -0.16
N PHE A 445 10.98 -6.37 -0.73
CA PHE A 445 10.24 -5.34 0.04
C PHE A 445 9.33 -4.58 -0.93
N CYS A 446 8.06 -4.42 -0.59
CA CYS A 446 7.00 -3.70 -1.38
C CYS A 446 7.02 -4.20 -2.83
N SER A 447 7.17 -5.53 -2.99
CA SER A 447 7.05 -6.25 -4.28
C SER A 447 8.28 -5.98 -5.16
N HIS A 448 9.36 -5.47 -4.60
CA HIS A 448 10.60 -5.16 -5.34
C HIS A 448 11.82 -5.86 -4.73
N HIS A 449 12.92 -5.89 -5.49
CA HIS A 449 14.31 -5.98 -4.96
C HIS A 449 15.08 -4.79 -5.53
N PHE A 450 16.29 -4.59 -5.05
CA PHE A 450 17.04 -3.36 -5.33
C PHE A 450 18.44 -3.73 -5.79
N HIS A 451 18.89 -3.06 -6.85
CA HIS A 451 20.24 -3.24 -7.41
C HIS A 451 21.08 -2.02 -7.08
N GLU A 452 22.39 -2.24 -6.94
CA GLU A 452 23.43 -1.19 -6.85
C GLU A 452 24.02 -1.01 -8.25
N LEU A 453 23.98 0.18 -8.79
CA LEU A 453 24.31 0.42 -10.21
C LEU A 453 25.23 1.63 -10.26
N ILE A 454 26.43 1.43 -10.78
CA ILE A 454 27.50 2.46 -10.79
C ILE A 454 27.48 3.17 -12.14
N MET A 455 27.33 4.48 -12.10
CA MET A 455 27.31 5.32 -13.32
C MET A 455 28.74 5.45 -13.84
N LYS A 456 28.88 5.65 -15.15
N LYS A 456 28.86 5.64 -15.16
CA LYS A 456 30.19 5.81 -15.83
CA LYS A 456 30.14 5.88 -15.88
C LYS A 456 31.04 6.86 -15.07
C LYS A 456 31.01 6.84 -15.05
N ASP A 457 30.41 7.82 -14.38
CA ASP A 457 31.16 8.83 -13.57
C ASP A 457 31.41 8.42 -12.11
N GLY A 458 31.15 7.16 -11.72
CA GLY A 458 31.44 6.64 -10.38
C GLY A 458 30.28 6.83 -9.39
N ARG A 459 29.29 7.70 -9.67
CA ARG A 459 28.22 7.91 -8.66
C ARG A 459 27.34 6.64 -8.56
N VAL A 460 26.67 6.47 -7.42
CA VAL A 460 25.97 5.20 -7.13
C VAL A 460 24.46 5.42 -7.09
N LEU A 461 23.74 4.71 -7.97
CA LEU A 461 22.27 4.58 -7.96
C LEU A 461 21.89 3.26 -7.27
N VAL A 462 20.96 3.33 -6.33
CA VAL A 462 20.24 2.14 -5.82
C VAL A 462 18.84 2.21 -6.40
N VAL A 463 18.50 1.23 -7.25
CA VAL A 463 17.35 1.29 -8.20
C VAL A 463 16.39 0.17 -7.86
N PRO A 464 15.07 0.42 -7.97
CA PRO A 464 14.09 -0.63 -7.71
C PRO A 464 13.94 -1.49 -8.94
N CYS A 465 13.51 -2.75 -8.75
CA CYS A 465 13.44 -3.77 -9.82
C CYS A 465 12.40 -4.82 -9.44
N ARG A 466 11.73 -5.42 -10.42
CA ARG A 466 11.02 -6.69 -10.25
C ARG A 466 10.94 -7.38 -11.60
N ASN A 467 10.46 -8.63 -11.57
CA ASN A 467 10.37 -9.45 -12.79
C ASN A 467 9.63 -8.60 -13.85
N GLN A 468 10.20 -8.51 -15.04
CA GLN A 468 9.77 -7.56 -16.08
C GLN A 468 8.41 -7.99 -16.62
N ASP A 469 8.12 -9.28 -16.58
CA ASP A 469 6.78 -9.79 -16.98
C ASP A 469 5.70 -9.12 -16.13
N GLU A 470 5.95 -8.95 -14.84
CA GLU A 470 4.98 -8.33 -13.91
C GLU A 470 4.80 -6.86 -14.36
N LEU A 471 5.89 -6.16 -14.67
CA LEU A 471 5.81 -4.74 -15.05
C LEU A 471 5.02 -4.58 -16.36
N ILE A 472 5.31 -5.40 -17.34
CA ILE A 472 4.66 -5.26 -18.66
C ILE A 472 3.20 -5.69 -18.56
N GLY A 473 2.92 -6.75 -17.82
CA GLY A 473 1.55 -7.27 -17.65
C GLY A 473 0.62 -6.25 -16.99
N ARG A 474 1.12 -5.51 -16.01
CA ARG A 474 0.35 -4.48 -15.24
C ARG A 474 0.07 -3.28 -16.15
N ALA A 475 1.04 -2.85 -16.97
CA ALA A 475 0.89 -1.65 -17.84
C ALA A 475 -0.14 -1.96 -18.93
N ARG A 476 -0.37 -3.25 -19.22
CA ARG A 476 -1.29 -3.66 -20.29
C ARG A 476 -2.74 -3.70 -19.79
N ILE A 477 -2.95 -3.41 -18.52
CA ILE A 477 -4.32 -3.50 -17.94
C ILE A 477 -4.79 -2.10 -17.56
N SER A 478 -6.03 -1.77 -17.97
N SER A 478 -6.02 -1.76 -17.95
CA SER A 478 -6.82 -0.62 -17.45
CA SER A 478 -6.79 -0.59 -17.43
C SER A 478 -7.82 -1.16 -16.42
C SER A 478 -7.90 -1.10 -16.51
N GLN A 479 -8.27 -0.31 -15.50
CA GLN A 479 -9.35 -0.65 -14.52
C GLN A 479 -10.58 0.18 -14.89
N GLY A 480 -11.76 -0.46 -14.91
CA GLY A 480 -13.02 0.15 -15.36
C GLY A 480 -13.02 0.38 -16.86
N ALA A 481 -14.16 0.83 -17.38
CA ALA A 481 -14.39 1.08 -18.83
C ALA A 481 -15.12 2.43 -19.04
N GLY A 482 -15.51 2.71 -20.28
CA GLY A 482 -15.96 4.04 -20.74
C GLY A 482 -14.78 4.87 -21.20
N TRP A 483 -13.60 4.24 -21.41
CA TRP A 483 -12.33 4.95 -21.69
C TRP A 483 -12.26 5.34 -23.17
N SER A 484 -12.06 6.59 -23.44
CA SER A 484 -11.77 7.11 -24.79
C SER A 484 -10.38 6.64 -25.23
N LEU A 485 -10.07 6.74 -26.53
CA LEU A 485 -8.71 6.44 -27.03
C LEU A 485 -7.69 7.35 -26.34
N ARG A 486 -8.05 8.62 -26.17
CA ARG A 486 -7.19 9.66 -25.56
C ARG A 486 -6.84 9.30 -24.10
N GLU A 487 -7.86 8.94 -23.31
N GLU A 487 -7.84 8.89 -23.31
CA GLU A 487 -7.72 8.50 -21.90
CA GLU A 487 -7.67 8.55 -21.88
C GLU A 487 -6.76 7.30 -21.83
C GLU A 487 -6.83 7.26 -21.76
N THR A 488 -7.04 6.31 -22.66
CA THR A 488 -6.23 5.05 -22.75
C THR A 488 -4.77 5.42 -23.07
N ALA A 489 -4.54 6.33 -24.03
CA ALA A 489 -3.19 6.80 -24.42
C ALA A 489 -2.51 7.49 -23.22
N CYS A 490 -3.24 8.32 -22.46
CA CYS A 490 -2.68 9.06 -21.29
C CYS A 490 -2.32 8.10 -20.14
N LEU A 491 -3.06 7.03 -19.95
CA LEU A 491 -2.65 5.95 -19.00
C LEU A 491 -1.39 5.23 -19.49
N GLY A 492 -1.30 4.91 -20.76
CA GLY A 492 -0.08 4.30 -21.29
C GLY A 492 1.11 5.18 -21.00
N LYS A 493 0.94 6.47 -21.25
CA LYS A 493 1.97 7.53 -21.04
C LYS A 493 2.42 7.55 -19.59
N SER A 494 1.48 7.40 -18.65
CA SER A 494 1.73 7.35 -17.19
C SER A 494 2.63 6.15 -16.85
N TYR A 495 2.39 4.98 -17.46
CA TYR A 495 3.25 3.77 -17.26
C TYR A 495 4.64 4.04 -17.87
N ALA A 496 4.64 4.59 -19.08
CA ALA A 496 5.89 4.85 -19.82
C ALA A 496 6.78 5.76 -18.98
N GLN A 497 6.22 6.85 -18.44
CA GLN A 497 6.96 7.85 -17.63
C GLN A 497 7.48 7.18 -16.34
N MET A 498 6.67 6.30 -15.73
CA MET A 498 7.14 5.57 -14.52
C MET A 498 8.36 4.73 -14.86
N TRP A 499 8.33 4.01 -15.98
CA TRP A 499 9.45 3.14 -16.40
C TRP A 499 10.70 3.97 -16.67
N SER A 500 10.54 5.16 -17.23
N SER A 500 10.54 5.16 -17.23
CA SER A 500 11.70 6.03 -17.57
CA SER A 500 11.70 6.02 -17.57
C SER A 500 12.38 6.56 -16.31
C SER A 500 12.38 6.56 -16.31
N LEU A 501 11.61 6.71 -15.23
CA LEU A 501 12.18 7.28 -13.98
C LEU A 501 12.64 6.20 -13.02
N MET A 502 11.97 5.07 -12.96
CA MET A 502 12.20 4.05 -11.91
C MET A 502 12.84 2.77 -12.47
N TYR A 503 12.59 2.44 -13.74
CA TYR A 503 13.05 1.18 -14.37
C TYR A 503 13.91 1.44 -15.61
N PHE A 504 14.62 2.59 -15.67
CA PHE A 504 15.40 3.09 -16.83
C PHE A 504 16.52 2.09 -17.16
N HIS A 505 16.93 1.39 -16.10
CA HIS A 505 18.06 0.41 -16.11
C HIS A 505 17.68 -0.92 -16.79
N ARG A 506 16.41 -1.13 -17.14
CA ARG A 506 15.93 -2.34 -17.87
C ARG A 506 15.85 -1.95 -19.35
N ARG A 507 16.64 -2.61 -20.20
CA ARG A 507 16.79 -2.23 -21.62
C ARG A 507 15.42 -2.24 -22.29
N ASP A 508 14.57 -3.25 -22.06
CA ASP A 508 13.26 -3.36 -22.76
C ASP A 508 12.31 -2.21 -22.34
N LEU A 509 12.36 -1.81 -21.07
CA LEU A 509 11.41 -0.82 -20.52
C LEU A 509 11.86 0.57 -20.95
N ARG A 510 13.18 0.85 -21.08
CA ARG A 510 13.61 2.20 -21.54
C ARG A 510 13.17 2.34 -23.01
N LEU A 511 13.24 1.26 -23.77
CA LEU A 511 12.91 1.29 -25.22
C LEU A 511 11.40 1.36 -25.37
N ALA A 512 10.65 0.61 -24.58
CA ALA A 512 9.18 0.64 -24.71
C ALA A 512 8.66 2.02 -24.24
N ALA A 513 9.27 2.60 -23.21
CA ALA A 513 8.82 3.89 -22.63
C ALA A 513 9.04 4.99 -23.68
N ASN A 514 10.21 4.97 -24.33
CA ASN A 514 10.53 5.94 -25.41
C ASN A 514 9.53 5.76 -26.53
N ALA A 515 9.19 4.52 -26.86
CA ALA A 515 8.26 4.23 -27.96
C ALA A 515 6.86 4.74 -27.55
N ILE A 516 6.39 4.44 -26.35
CA ILE A 516 5.03 4.94 -25.96
C ILE A 516 5.01 6.47 -25.94
N CYS A 517 6.00 7.15 -25.33
CA CYS A 517 6.06 8.63 -25.29
C CYS A 517 6.19 9.21 -26.70
N SER A 518 6.72 8.45 -27.67
CA SER A 518 6.80 8.88 -29.09
C SER A 518 5.44 8.72 -29.77
N ALA A 519 4.64 7.75 -29.34
CA ALA A 519 3.36 7.34 -29.98
C ALA A 519 2.19 8.20 -29.46
N VAL A 520 2.33 8.77 -28.28
CA VAL A 520 1.25 9.57 -27.65
C VAL A 520 1.57 11.06 -27.83
N PRO A 521 0.58 11.91 -28.19
CA PRO A 521 0.83 13.32 -28.41
C PRO A 521 1.75 13.88 -27.30
N SER A 522 2.73 14.71 -27.68
N SER A 522 2.72 14.72 -27.68
CA SER A 522 3.71 15.25 -26.69
CA SER A 522 3.71 15.25 -26.69
C SER A 522 3.04 15.96 -25.51
C SER A 522 3.05 15.96 -25.51
N HIS A 523 2.08 16.84 -25.79
CA HIS A 523 1.46 17.65 -24.69
C HIS A 523 0.30 16.96 -23.97
N TRP A 524 -0.09 15.75 -24.37
CA TRP A 524 -1.16 15.04 -23.62
C TRP A 524 -0.70 14.71 -22.20
N VAL A 525 -1.57 14.90 -21.23
CA VAL A 525 -1.21 14.78 -19.80
C VAL A 525 -1.44 13.34 -19.34
N PRO A 526 -0.45 12.71 -18.69
CA PRO A 526 -0.64 11.40 -18.05
C PRO A 526 -1.76 11.39 -16.98
N THR A 527 -2.54 10.31 -16.92
CA THR A 527 -3.69 10.23 -15.98
C THR A 527 -3.67 8.93 -15.17
N SER A 528 -4.49 8.86 -14.11
CA SER A 528 -4.56 7.68 -13.22
C SER A 528 -3.17 7.15 -12.91
N ILE A 534 1.08 3.99 -0.75
CA ILE A 534 1.07 5.06 0.29
C ILE A 534 2.52 5.42 0.66
N HIS A 535 3.46 4.50 0.39
CA HIS A 535 4.92 4.73 0.52
C HIS A 535 5.41 5.55 -0.69
N ALA A 536 4.52 5.90 -1.62
CA ALA A 536 5.04 6.44 -2.91
C ALA A 536 4.82 7.92 -3.20
N THR A 537 5.61 8.43 -4.15
CA THR A 537 5.47 9.82 -4.63
C THR A 537 5.44 9.70 -6.15
N HIS A 538 4.39 10.18 -6.83
CA HIS A 538 4.27 9.95 -8.29
C HIS A 538 4.91 11.08 -9.09
N GLU A 539 6.24 11.08 -9.20
CA GLU A 539 6.98 12.15 -9.91
C GLU A 539 6.83 12.01 -11.44
N TRP A 540 6.36 10.85 -11.90
CA TRP A 540 6.15 10.62 -13.36
C TRP A 540 4.83 11.26 -13.82
N MET A 541 3.99 11.71 -12.88
CA MET A 541 2.68 12.32 -13.24
C MET A 541 2.92 13.83 -13.52
N THR A 542 3.35 14.17 -14.74
CA THR A 542 3.83 15.53 -15.12
C THR A 542 3.99 15.57 -16.63
N THR A 543 3.97 16.77 -17.23
CA THR A 543 4.30 17.02 -18.67
C THR A 543 5.72 17.58 -18.80
N GLU A 544 6.39 17.81 -17.68
CA GLU A 544 7.84 18.20 -17.71
C GLU A 544 8.64 17.12 -18.43
N ASP A 545 9.77 17.51 -18.99
CA ASP A 545 10.70 16.64 -19.73
C ASP A 545 11.26 15.59 -18.76
N MET A 546 11.33 14.32 -19.16
CA MET A 546 11.63 13.20 -18.20
C MET A 546 13.10 13.24 -17.81
N LEU A 547 14.01 13.68 -18.68
CA LEU A 547 15.42 13.84 -18.24
C LEU A 547 15.49 14.87 -17.10
N THR A 548 14.71 15.96 -17.14
CA THR A 548 14.77 17.00 -16.07
C THR A 548 14.23 16.43 -14.74
N VAL A 549 13.13 15.70 -14.78
CA VAL A 549 12.59 14.98 -13.60
C VAL A 549 13.60 13.93 -13.12
N TRP A 550 14.26 13.19 -14.02
CA TRP A 550 15.28 12.18 -13.60
C TRP A 550 16.35 12.89 -12.77
N ASN A 551 16.86 14.03 -13.26
CA ASN A 551 17.92 14.84 -12.61
C ASN A 551 17.44 15.30 -11.23
N ARG A 552 16.23 15.80 -11.14
CA ARG A 552 15.70 16.25 -9.82
C ARG A 552 15.66 15.08 -8.80
N VAL A 553 15.12 13.92 -9.23
CA VAL A 553 14.79 12.77 -8.35
C VAL A 553 16.09 12.05 -7.97
N TRP A 554 16.98 11.78 -8.92
CA TRP A 554 18.12 10.85 -8.70
C TRP A 554 19.38 11.62 -8.29
N ILE A 555 19.45 12.94 -8.57
CA ILE A 555 20.67 13.75 -8.31
C ILE A 555 20.33 14.82 -7.29
N GLN A 556 19.56 15.83 -7.72
CA GLN A 556 19.35 17.09 -6.97
C GLN A 556 18.78 16.76 -5.59
N GLU A 557 17.68 16.01 -5.52
CA GLU A 557 16.93 15.82 -4.25
C GLU A 557 17.34 14.53 -3.52
N ASN A 558 18.38 13.83 -4.02
CA ASN A 558 18.79 12.49 -3.54
C ASN A 558 19.80 12.69 -2.41
N PRO A 559 19.44 12.48 -1.14
CA PRO A 559 20.39 12.71 -0.05
C PRO A 559 21.58 11.76 -0.02
N TRP A 560 21.55 10.66 -0.77
CA TRP A 560 22.70 9.72 -0.79
C TRP A 560 23.72 10.10 -1.87
N MET A 561 23.51 11.17 -2.65
CA MET A 561 24.37 11.60 -3.79
C MET A 561 25.04 12.93 -3.40
N GLU A 562 26.33 12.92 -3.08
CA GLU A 562 27.08 14.14 -2.63
C GLU A 562 27.34 15.04 -3.85
N ASP A 563 27.74 14.50 -5.00
CA ASP A 563 28.08 15.30 -6.21
C ASP A 563 26.79 15.64 -6.98
N LYS A 564 26.47 16.91 -7.19
CA LYS A 564 25.14 17.32 -7.70
C LYS A 564 25.24 17.67 -9.19
N THR A 565 26.28 17.19 -9.88
CA THR A 565 26.49 17.51 -11.31
C THR A 565 25.35 16.90 -12.11
N PRO A 566 24.57 17.71 -12.87
CA PRO A 566 23.41 17.20 -13.58
C PRO A 566 23.88 16.26 -14.69
N VAL A 567 23.05 15.30 -15.04
CA VAL A 567 23.25 14.43 -16.22
C VAL A 567 22.67 15.18 -17.44
N GLU A 568 23.44 15.19 -18.54
CA GLU A 568 23.21 16.03 -19.74
C GLU A 568 22.41 15.24 -20.79
N SER A 569 22.49 13.91 -20.80
CA SER A 569 21.71 13.07 -21.75
C SER A 569 21.37 11.69 -21.17
N TRP A 570 20.42 11.03 -21.80
CA TRP A 570 19.98 9.69 -21.33
C TRP A 570 21.13 8.68 -21.45
N GLU A 571 22.07 8.88 -22.37
CA GLU A 571 23.18 7.91 -22.54
C GLU A 571 24.13 7.91 -21.34
N GLU A 572 24.21 8.98 -20.56
CA GLU A 572 24.98 9.00 -19.28
C GLU A 572 24.34 8.02 -18.26
N ILE A 573 23.10 7.61 -18.51
CA ILE A 573 22.28 6.91 -17.48
C ILE A 573 22.42 5.41 -17.76
N PRO A 574 22.97 4.64 -16.80
CA PRO A 574 23.32 3.26 -17.04
C PRO A 574 22.18 2.23 -17.01
N TYR A 575 22.48 1.05 -17.51
CA TYR A 575 21.62 -0.16 -17.43
C TYR A 575 22.26 -1.16 -16.47
N LEU A 576 21.47 -2.12 -15.98
CA LEU A 576 21.97 -3.33 -15.29
C LEU A 576 22.88 -4.11 -16.26
N GLY A 577 23.63 -5.09 -15.75
CA GLY A 577 24.37 -6.05 -16.60
C GLY A 577 23.44 -6.75 -17.57
N LYS A 578 23.94 -7.07 -18.77
CA LYS A 578 23.19 -7.81 -19.83
C LYS A 578 22.62 -9.10 -19.25
N ARG A 579 23.39 -9.84 -18.44
CA ARG A 579 22.96 -11.15 -17.88
C ARG A 579 21.96 -10.88 -16.74
N GLU A 580 22.27 -9.90 -15.89
CA GLU A 580 21.38 -9.47 -14.75
C GLU A 580 20.03 -8.98 -15.29
N ASP A 581 20.00 -8.44 -16.51
CA ASP A 581 18.76 -7.93 -17.17
C ASP A 581 17.91 -9.13 -17.60
N GLN A 582 18.53 -10.14 -18.21
CA GLN A 582 17.86 -11.42 -18.59
C GLN A 582 17.31 -12.09 -17.33
N TRP A 583 18.16 -12.29 -16.33
CA TRP A 583 17.75 -12.89 -15.02
C TRP A 583 16.43 -12.25 -14.55
N CYS A 584 16.31 -10.92 -14.63
CA CYS A 584 15.13 -10.18 -14.10
C CYS A 584 14.09 -9.96 -15.22
N GLY A 585 14.11 -10.81 -16.25
CA GLY A 585 12.97 -11.01 -17.18
C GLY A 585 13.20 -10.51 -18.59
N SER A 586 14.30 -9.79 -18.86
CA SER A 586 14.51 -9.16 -20.20
C SER A 586 14.42 -10.21 -21.31
N LEU A 587 13.93 -9.78 -22.47
CA LEU A 587 13.90 -10.55 -23.74
C LEU A 587 15.10 -10.27 -24.63
N ILE A 588 16.08 -9.47 -24.18
CA ILE A 588 17.32 -9.22 -24.96
C ILE A 588 17.92 -10.58 -25.34
N GLY A 589 18.40 -10.70 -26.58
CA GLY A 589 19.00 -11.95 -27.08
C GLY A 589 17.99 -12.75 -27.87
N LEU A 590 16.67 -12.50 -27.71
CA LEU A 590 15.65 -13.18 -28.54
C LEU A 590 15.45 -12.46 -29.87
N THR A 591 15.04 -13.27 -30.83
CA THR A 591 14.74 -12.88 -32.23
C THR A 591 13.51 -11.98 -32.25
N SER A 592 12.44 -12.37 -31.59
CA SER A 592 11.21 -11.52 -31.45
C SER A 592 11.56 -10.10 -30.97
N ARG A 593 12.43 -9.98 -29.97
CA ARG A 593 12.83 -8.70 -29.33
C ARG A 593 13.68 -7.88 -30.30
N ALA A 594 14.63 -8.54 -30.99
CA ALA A 594 15.48 -7.91 -32.03
C ALA A 594 14.62 -7.27 -33.14
N THR A 595 13.59 -7.97 -33.62
CA THR A 595 12.72 -7.46 -34.70
C THR A 595 11.90 -6.27 -34.17
N TRP A 596 11.42 -6.41 -32.96
CA TRP A 596 10.64 -5.35 -32.29
C TRP A 596 11.46 -4.06 -32.23
N ALA A 597 12.66 -4.11 -31.65
CA ALA A 597 13.57 -2.94 -31.54
C ALA A 597 13.92 -2.34 -32.92
N LYS A 598 14.39 -3.19 -33.83
CA LYS A 598 14.79 -2.80 -35.19
C LYS A 598 13.64 -2.04 -35.84
N ASN A 599 12.40 -2.55 -35.76
CA ASN A 599 11.22 -2.01 -36.49
C ASN A 599 10.35 -1.11 -35.61
N ILE A 600 10.87 -0.57 -34.54
CA ILE A 600 10.02 0.15 -33.52
C ILE A 600 9.25 1.35 -34.13
N GLN A 601 9.85 2.07 -35.08
N GLN A 601 9.84 2.08 -35.09
CA GLN A 601 9.25 3.27 -35.74
CA GLN A 601 9.22 3.29 -35.70
C GLN A 601 7.95 2.87 -36.45
C GLN A 601 7.95 2.88 -36.47
N THR A 602 7.87 1.63 -36.94
CA THR A 602 6.65 1.11 -37.61
C THR A 602 5.53 0.86 -36.59
N ALA A 603 5.85 0.43 -35.38
CA ALA A 603 4.84 0.23 -34.31
C ALA A 603 4.40 1.60 -33.83
N ILE A 604 5.34 2.51 -33.61
CA ILE A 604 5.04 3.91 -33.20
C ILE A 604 4.06 4.51 -34.22
N ASN A 605 4.31 4.32 -35.53
CA ASN A 605 3.48 4.90 -36.62
C ASN A 605 2.09 4.25 -36.63
N GLN A 606 1.97 2.95 -36.35
CA GLN A 606 0.65 2.29 -36.27
C GLN A 606 -0.21 3.01 -35.23
N VAL A 607 0.32 3.21 -34.05
CA VAL A 607 -0.45 3.85 -32.94
C VAL A 607 -0.72 5.33 -33.32
N ARG A 608 0.24 6.03 -33.92
CA ARG A 608 0.02 7.45 -34.31
C ARG A 608 -1.13 7.53 -35.31
N SER A 609 -1.17 6.59 -36.26
CA SER A 609 -2.25 6.54 -37.28
C SER A 609 -3.61 6.33 -36.64
N LEU A 610 -3.68 5.59 -35.54
CA LEU A 610 -4.96 5.26 -34.87
C LEU A 610 -5.47 6.50 -34.12
N ILE A 611 -4.56 7.18 -33.42
CA ILE A 611 -4.85 8.39 -32.60
C ILE A 611 -5.14 9.57 -33.54
N GLY A 612 -4.39 9.71 -34.63
CA GLY A 612 -4.72 10.67 -35.72
C GLY A 612 -3.68 11.78 -35.83
N ASN A 613 -4.06 12.91 -36.41
CA ASN A 613 -3.10 13.95 -36.88
C ASN A 613 -2.85 14.94 -35.74
N GLU A 614 -1.90 14.63 -34.87
CA GLU A 614 -1.65 15.30 -33.58
C GLU A 614 -0.21 15.74 -33.61
N GLU A 615 0.27 16.44 -32.59
CA GLU A 615 1.71 16.83 -32.49
C GLU A 615 2.41 15.75 -31.67
N TYR A 616 3.38 15.06 -32.28
CA TYR A 616 4.26 14.01 -31.72
C TYR A 616 5.72 14.48 -31.69
N THR A 617 6.47 14.00 -30.69
CA THR A 617 7.95 14.02 -30.58
C THR A 617 8.53 12.61 -30.79
N ASP A 618 9.63 12.48 -31.52
CA ASP A 618 10.40 11.21 -31.62
C ASP A 618 11.41 11.20 -30.46
N TYR A 619 11.19 10.36 -29.46
CA TYR A 619 12.16 10.17 -28.34
C TYR A 619 13.15 9.05 -28.62
N MET A 620 13.02 8.30 -29.71
CA MET A 620 13.92 7.13 -29.95
C MET A 620 15.40 7.53 -30.13
N PRO A 621 15.80 8.64 -30.81
CA PRO A 621 17.21 9.06 -30.88
C PRO A 621 17.89 9.48 -29.55
N SER A 622 17.14 9.53 -28.44
CA SER A 622 17.71 9.59 -27.07
C SER A 622 18.49 8.31 -26.69
N MET A 623 18.29 7.24 -27.46
CA MET A 623 19.02 5.95 -27.33
C MET A 623 20.10 5.90 -28.42
N LYS A 624 21.29 5.40 -28.07
CA LYS A 624 22.53 5.44 -28.91
C LYS A 624 22.26 4.78 -30.27
N ARG A 625 21.58 3.64 -30.29
CA ARG A 625 21.37 2.79 -31.50
C ARG A 625 20.49 3.52 -32.53
N PHE A 626 19.51 4.32 -32.08
CA PHE A 626 18.49 4.99 -32.94
C PHE A 626 18.99 6.36 -33.40
N ARG A 627 20.30 6.59 -33.31
CA ARG A 627 20.90 7.84 -33.81
C ARG A 627 21.31 7.66 -35.27
N ARG A 628 20.80 8.52 -36.17
CA ARG A 628 21.18 8.45 -37.61
C ARG A 628 22.70 8.57 -37.74
#